data_4ITK
#
_entry.id   4ITK
#
_cell.length_a   25.429
_cell.length_b   26.458
_cell.length_c   31.016
_cell.angle_alpha   102.56
_cell.angle_beta   104.35
_cell.angle_gamma   100.30
#
_symmetry.space_group_name_H-M   'P 1'
#
loop_
_entity.id
_entity.type
_entity.pdbx_description
1 polymer Apoferredoxin
2 non-polymer 'FE2/S2 (INORGANIC) CLUSTER'
3 non-polymer GLYCEROL
4 water water
#
_entity_poly.entity_id   1
_entity_poly.type   'polypeptide(L)'
_entity_poly.pdbx_seq_one_letter_code
;MFKVTFKTPKGEKTIDVEADKYLLDAAEEAGMDLPYSCRSGGCSTCCGKLESGTVDQSDQNMLDEDQLKQGFVLTCVAYP
TSDIVILTDQESKLPIGGSENLYFQ
;
_entity_poly.pdbx_strand_id   A
#
# COMPACT_ATOMS: atom_id res chain seq x y z
N MET A 1 -2.14 4.25 -19.13
N MET A 1 -1.13 6.10 -18.04
N MET A 1 -1.48 5.65 -18.46
CA MET A 1 -2.02 4.49 -17.63
CA MET A 1 -1.88 5.18 -17.14
CA MET A 1 -1.92 5.07 -17.17
C MET A 1 -1.26 3.41 -16.94
C MET A 1 -0.95 3.99 -16.89
C MET A 1 -1.05 3.88 -16.91
N PHE A 2 -0.86 3.64 -15.66
CA PHE A 2 -0.18 2.44 -15.11
C PHE A 2 -1.17 1.32 -14.91
N LYS A 3 -0.73 0.07 -14.93
CA LYS A 3 -1.52 -1.07 -14.55
C LYS A 3 -1.06 -1.55 -13.22
N VAL A 4 -2.02 -1.66 -12.29
CA VAL A 4 -1.78 -2.05 -10.92
C VAL A 4 -2.54 -3.32 -10.65
N THR A 5 -1.82 -4.37 -10.36
CA THR A 5 -2.39 -5.62 -9.84
C THR A 5 -2.54 -5.58 -8.33
N PHE A 6 -3.78 -5.61 -7.85
CA PHE A 6 -4.07 -5.64 -6.47
C PHE A 6 -4.35 -7.09 -6.05
N LYS A 7 -3.51 -7.64 -5.20
CA LYS A 7 -3.67 -8.98 -4.66
C LYS A 7 -4.24 -8.88 -3.26
N THR A 8 -5.51 -9.20 -3.09
CA THR A 8 -6.29 -9.02 -1.86
C THR A 8 -6.54 -10.39 -1.29
N PRO A 9 -7.03 -10.41 -0.05
CA PRO A 9 -7.45 -11.68 0.54
C PRO A 9 -8.52 -12.44 -0.27
N LYS A 10 -9.39 -11.70 -0.95
N LYS A 10 -9.39 -11.70 -0.95
CA LYS A 10 -10.53 -12.26 -1.65
CA LYS A 10 -10.54 -12.25 -1.66
C LYS A 10 -10.25 -12.45 -3.13
C LYS A 10 -10.23 -12.50 -3.11
N GLY A 11 -9.04 -12.20 -3.59
CA GLY A 11 -8.70 -12.35 -4.99
C GLY A 11 -7.89 -11.22 -5.55
N GLU A 12 -7.61 -11.29 -6.84
CA GLU A 12 -6.77 -10.33 -7.49
C GLU A 12 -7.40 -9.78 -8.75
N LYS A 13 -7.05 -8.55 -9.07
N LYS A 13 -7.13 -8.52 -9.05
CA LYS A 13 -7.38 -8.00 -10.31
CA LYS A 13 -7.40 -7.97 -10.36
C LYS A 13 -6.41 -6.87 -10.66
C LYS A 13 -6.46 -6.84 -10.65
N THR A 14 -6.35 -6.54 -11.92
CA THR A 14 -5.44 -5.56 -12.45
C THR A 14 -6.21 -4.44 -13.12
N ILE A 15 -5.90 -3.20 -12.70
CA ILE A 15 -6.65 -2.02 -13.15
C ILE A 15 -5.72 -0.87 -13.50
N ASP A 16 -6.32 0.01 -14.33
CA ASP A 16 -5.72 1.27 -14.64
C ASP A 16 -5.65 2.16 -13.40
N VAL A 17 -4.53 2.85 -13.21
CA VAL A 17 -4.44 3.87 -12.19
C VAL A 17 -3.68 5.05 -12.73
N GLU A 18 -4.31 6.22 -12.76
N GLU A 18 -4.28 6.23 -12.75
N GLU A 18 -4.30 6.22 -12.79
CA GLU A 18 -3.65 7.42 -13.20
CA GLU A 18 -3.54 7.37 -13.25
CA GLU A 18 -3.62 7.39 -13.29
C GLU A 18 -2.52 7.85 -12.24
C GLU A 18 -2.51 7.85 -12.24
C GLU A 18 -2.54 7.85 -12.28
N ALA A 19 -1.56 8.61 -12.76
CA ALA A 19 -0.43 9.10 -11.97
C ALA A 19 -0.86 10.00 -10.82
N ASP A 20 -2.07 10.59 -10.91
CA ASP A 20 -2.60 11.48 -9.88
C ASP A 20 -3.77 10.84 -9.14
N LYS A 21 -3.87 9.50 -9.13
N LYS A 21 -3.84 9.49 -9.09
CA LYS A 21 -4.87 8.83 -8.31
CA LYS A 21 -4.89 8.74 -8.36
C LYS A 21 -4.22 7.94 -7.32
C LYS A 21 -4.21 7.91 -7.30
N TYR A 22 -4.61 8.08 -6.03
CA TYR A 22 -4.07 7.21 -5.02
C TYR A 22 -4.55 5.82 -5.22
N LEU A 23 -3.70 4.82 -4.81
CA LEU A 23 -4.06 3.45 -4.95
C LEU A 23 -5.39 3.06 -4.31
N LEU A 24 -5.57 3.50 -3.06
CA LEU A 24 -6.81 3.15 -2.33
C LEU A 24 -8.07 3.59 -3.11
N ASP A 25 -8.02 4.79 -3.64
CA ASP A 25 -9.15 5.33 -4.33
C ASP A 25 -9.46 4.51 -5.58
N ALA A 26 -8.40 4.22 -6.37
CA ALA A 26 -8.62 3.39 -7.55
C ALA A 26 -9.19 2.06 -7.23
N ALA A 27 -8.66 1.42 -6.19
CA ALA A 27 -9.13 0.09 -5.85
C ALA A 27 -10.62 0.11 -5.47
N GLU A 28 -10.99 1.08 -4.65
CA GLU A 28 -12.39 1.22 -4.21
C GLU A 28 -13.31 1.39 -5.41
N GLU A 29 -12.88 2.22 -6.37
CA GLU A 29 -13.65 2.47 -7.57
C GLU A 29 -13.81 1.27 -8.47
N ALA A 30 -12.91 0.27 -8.30
CA ALA A 30 -12.95 -1.01 -8.99
C ALA A 30 -13.51 -2.14 -8.10
N GLY A 31 -14.25 -1.79 -7.06
CA GLY A 31 -14.98 -2.80 -6.29
C GLY A 31 -14.19 -3.45 -5.21
N MET A 32 -13.04 -2.96 -4.84
CA MET A 32 -12.22 -3.59 -3.77
C MET A 32 -12.23 -2.69 -2.55
N ASP A 33 -12.91 -3.15 -1.51
CA ASP A 33 -13.06 -2.44 -0.23
C ASP A 33 -11.87 -2.66 0.68
N LEU A 34 -10.77 -2.04 0.28
CA LEU A 34 -9.49 -2.16 0.98
C LEU A 34 -9.57 -1.46 2.35
N PRO A 35 -8.76 -1.94 3.30
CA PRO A 35 -8.81 -1.33 4.63
C PRO A 35 -8.39 0.13 4.63
N TYR A 36 -8.97 0.93 5.51
CA TYR A 36 -8.51 2.28 5.73
C TYR A 36 -9.15 2.84 7.02
N SER A 37 -8.52 3.88 7.55
CA SER A 37 -9.08 4.61 8.70
C SER A 37 -8.90 6.04 8.54
N CYS A 38 -7.71 6.53 8.79
CA CYS A 38 -7.50 7.95 8.75
C CYS A 38 -7.52 8.56 7.36
N ARG A 39 -7.12 7.82 6.33
CA ARG A 39 -7.03 8.26 4.96
C ARG A 39 -6.07 9.42 4.77
N SER A 40 -5.08 9.62 5.64
N SER A 40 -5.11 9.53 5.70
CA SER A 40 -4.22 10.78 5.51
CA SER A 40 -4.34 10.74 5.83
C SER A 40 -2.75 10.49 5.80
C SER A 40 -2.81 10.49 5.87
N GLY A 41 -2.34 9.24 5.84
CA GLY A 41 -0.96 8.89 6.02
C GLY A 41 -0.46 8.76 7.42
N GLY A 42 -1.35 8.76 8.43
CA GLY A 42 -0.96 8.75 9.82
C GLY A 42 -1.42 7.55 10.59
N CYS A 43 -1.59 6.37 9.98
CA CYS A 43 -1.88 5.15 10.66
C CYS A 43 -1.34 4.02 9.81
N SER A 44 -1.55 2.78 10.23
CA SER A 44 -1.06 1.66 9.40
C SER A 44 -2.20 0.82 8.84
N THR A 45 -3.43 1.30 8.96
CA THR A 45 -4.54 0.48 8.57
C THR A 45 -4.58 0.08 7.10
N CYS A 46 -4.22 1.02 6.24
CA CYS A 46 -4.25 0.80 4.78
C CYS A 46 -2.95 0.17 4.25
N CYS A 47 -2.05 -0.32 5.08
N CYS A 47 -2.10 -0.41 5.11
N CYS A 47 -2.07 -0.33 5.09
CA CYS A 47 -0.79 -0.74 4.59
CA CYS A 47 -0.81 -0.99 4.70
CA CYS A 47 -0.79 -0.83 4.67
C CYS A 47 -0.94 -1.86 3.56
C CYS A 47 -0.89 -2.01 3.60
C CYS A 47 -0.91 -1.90 3.59
N GLY A 48 -0.12 -1.76 2.52
CA GLY A 48 0.08 -2.74 1.53
C GLY A 48 1.58 -3.02 1.40
N LYS A 49 1.92 -3.94 0.52
N LYS A 49 1.95 -4.04 0.60
CA LYS A 49 3.31 -4.30 0.35
CA LYS A 49 3.37 -4.38 0.31
C LYS A 49 3.58 -4.56 -1.13
C LYS A 49 3.57 -4.55 -1.17
N LEU A 50 4.55 -3.84 -1.68
CA LEU A 50 4.86 -3.93 -3.07
C LEU A 50 5.63 -5.15 -3.42
N GLU A 51 5.08 -5.99 -4.27
N GLU A 51 5.08 -5.97 -4.30
CA GLU A 51 5.86 -7.04 -4.91
CA GLU A 51 5.84 -7.06 -4.91
C GLU A 51 6.76 -6.52 -6.00
C GLU A 51 6.76 -6.51 -5.97
N SER A 52 6.21 -5.67 -6.84
CA SER A 52 7.03 -5.03 -7.91
C SER A 52 6.46 -3.67 -8.19
N GLY A 53 7.30 -2.80 -8.70
CA GLY A 53 6.93 -1.44 -9.02
C GLY A 53 7.19 -0.43 -7.93
N THR A 54 6.86 0.83 -8.19
CA THR A 54 7.17 1.95 -7.38
C THR A 54 5.94 2.84 -7.20
N VAL A 55 5.98 3.53 -6.08
CA VAL A 55 4.96 4.53 -5.74
C VAL A 55 5.64 5.82 -5.30
N ASP A 56 4.89 6.91 -5.35
CA ASP A 56 5.16 8.16 -4.74
C ASP A 56 4.21 8.25 -3.55
N GLN A 57 4.75 8.01 -2.36
CA GLN A 57 3.97 8.08 -1.10
C GLN A 57 4.58 9.09 -0.16
N SER A 58 4.97 10.25 -0.72
CA SER A 58 5.66 11.22 0.09
C SER A 58 4.82 11.73 1.31
N ASP A 59 3.49 11.70 1.23
CA ASP A 59 2.70 12.12 2.38
C ASP A 59 2.57 11.05 3.42
N GLN A 60 3.14 9.86 3.28
CA GLN A 60 3.15 8.86 4.32
C GLN A 60 3.86 9.39 5.53
N ASN A 61 3.29 9.12 6.72
CA ASN A 61 3.76 9.67 7.99
C ASN A 61 3.81 8.60 9.05
N MET A 62 4.25 7.38 8.72
CA MET A 62 4.36 6.26 9.59
C MET A 62 5.63 5.46 9.47
N LEU A 63 6.16 5.32 8.26
CA LEU A 63 7.12 4.30 7.94
C LEU A 63 8.57 4.85 7.97
N ASP A 64 9.50 4.03 8.48
CA ASP A 64 10.89 4.31 8.51
C ASP A 64 11.51 3.79 7.23
N GLU A 65 12.82 4.03 7.07
CA GLU A 65 13.54 3.66 5.88
C GLU A 65 13.56 2.18 5.66
N ASP A 66 13.81 1.41 6.71
N ASP A 66 13.73 1.43 6.70
CA ASP A 66 13.76 -0.09 6.69
CA ASP A 66 13.80 0.01 6.51
C ASP A 66 12.44 -0.49 6.01
C ASP A 66 12.44 -0.62 6.15
N GLN A 67 11.34 -0.01 6.62
CA GLN A 67 10.02 -0.39 6.17
C GLN A 67 9.74 -0.02 4.72
N LEU A 68 10.21 1.15 4.32
CA LEU A 68 10.09 1.53 2.93
C LEU A 68 10.86 0.56 2.03
N LYS A 69 12.08 0.14 2.46
CA LYS A 69 12.89 -0.80 1.67
C LYS A 69 12.28 -2.19 1.63
N GLN A 70 11.42 -2.53 2.59
N GLN A 70 11.42 -2.54 2.58
CA GLN A 70 10.70 -3.79 2.62
CA GLN A 70 10.71 -3.79 2.60
C GLN A 70 9.42 -3.76 1.73
C GLN A 70 9.41 -3.75 1.80
N GLY A 71 9.15 -2.64 1.12
CA GLY A 71 8.02 -2.49 0.22
C GLY A 71 6.74 -2.10 0.85
N PHE A 72 6.76 -1.69 2.13
CA PHE A 72 5.54 -1.20 2.74
C PHE A 72 5.05 0.09 2.15
N VAL A 73 3.72 0.19 2.00
N VAL A 73 3.73 0.19 2.00
CA VAL A 73 3.05 1.31 1.35
CA VAL A 73 3.12 1.35 1.35
C VAL A 73 1.80 1.70 2.12
C VAL A 73 1.82 1.69 2.08
N LEU A 74 1.62 2.98 2.34
CA LEU A 74 0.32 3.50 2.84
C LEU A 74 -0.50 3.81 1.61
N THR A 75 -1.41 2.88 1.28
CA THR A 75 -2.17 2.98 0.03
C THR A 75 -3.08 4.18 -0.07
N CYS A 76 -3.50 4.76 1.05
CA CYS A 76 -4.34 5.96 0.97
C CYS A 76 -3.67 7.24 0.47
N VAL A 77 -2.30 7.23 0.44
CA VAL A 77 -1.53 8.41 0.05
C VAL A 77 -0.44 8.02 -0.98
N ALA A 78 -0.64 6.88 -1.66
CA ALA A 78 0.37 6.41 -2.62
C ALA A 78 -0.14 6.54 -4.02
N TYR A 79 0.61 7.33 -4.82
CA TYR A 79 0.40 7.42 -6.27
C TYR A 79 1.24 6.36 -6.97
N PRO A 80 0.74 5.70 -8.01
CA PRO A 80 1.65 4.81 -8.79
C PRO A 80 2.70 5.65 -9.54
N THR A 81 3.95 5.09 -9.63
CA THR A 81 4.96 5.67 -10.51
C THR A 81 5.49 4.62 -11.49
N SER A 82 4.83 3.49 -11.61
CA SER A 82 5.15 2.49 -12.59
C SER A 82 3.99 1.50 -12.60
N ASP A 83 4.02 0.54 -13.49
CA ASP A 83 3.18 -0.65 -13.29
C ASP A 83 3.53 -1.34 -11.98
N ILE A 84 2.55 -1.89 -11.28
CA ILE A 84 2.75 -2.39 -9.92
C ILE A 84 2.05 -3.69 -9.69
N VAL A 85 2.61 -4.53 -8.83
CA VAL A 85 1.94 -5.62 -8.20
C VAL A 85 2.02 -5.37 -6.71
N ILE A 86 0.88 -5.24 -6.02
CA ILE A 86 0.82 -4.91 -4.63
C ILE A 86 -0.12 -5.86 -3.87
N LEU A 87 0.33 -6.27 -2.70
N LEU A 87 0.32 -6.34 -2.71
CA LEU A 87 -0.46 -7.03 -1.80
CA LEU A 87 -0.49 -7.17 -1.85
C LEU A 87 -1.17 -6.03 -0.88
C LEU A 87 -1.11 -6.24 -0.77
N THR A 88 -2.44 -6.30 -0.63
CA THR A 88 -3.21 -5.43 0.25
C THR A 88 -3.37 -6.11 1.60
N ASP A 89 -3.94 -5.38 2.55
N ASP A 89 -3.86 -5.31 2.57
CA ASP A 89 -4.26 -5.97 3.87
CA ASP A 89 -4.18 -5.84 3.91
C ASP A 89 -2.96 -6.54 4.52
C ASP A 89 -2.98 -6.49 4.58
N GLN A 90 -1.84 -5.77 4.52
CA GLN A 90 -0.55 -6.26 5.02
C GLN A 90 -0.10 -5.71 6.38
N GLU A 91 -0.99 -5.05 7.10
CA GLU A 91 -0.64 -4.47 8.37
C GLU A 91 -0.04 -5.48 9.35
N SER A 92 -0.68 -6.63 9.37
N SER A 92 -0.39 -6.77 9.26
CA SER A 92 -0.30 -7.67 10.30
CA SER A 92 0.23 -7.79 10.19
C SER A 92 1.21 -7.97 10.21
C SER A 92 1.75 -8.09 10.01
N LYS A 93 1.85 -7.62 9.06
N LYS A 93 2.32 -7.80 8.82
CA LYS A 93 3.27 -7.93 8.83
CA LYS A 93 3.77 -7.92 8.62
C LYS A 93 4.29 -6.92 9.42
C LYS A 93 4.53 -6.77 9.20
N LEU A 94 3.82 -5.69 9.59
CA LEU A 94 4.51 -4.56 10.17
C LEU A 94 4.71 -4.83 11.63
N PRO A 95 5.98 -4.96 12.03
CA PRO A 95 6.24 -5.21 13.48
C PRO A 95 5.76 -4.06 14.38
N ILE A 96 5.16 -4.45 15.49
CA ILE A 96 4.71 -3.49 16.52
C ILE A 96 5.94 -2.69 17.07
N GLY A 97 7.00 -3.44 17.35
CA GLY A 97 8.24 -2.88 17.97
C GLY A 97 7.97 -2.22 19.31
N GLY A 98 8.63 -1.07 19.52
CA GLY A 98 8.49 -0.27 20.75
C GLY A 98 9.72 -0.39 21.57
N SER A 99 9.71 0.39 22.67
CA SER A 99 10.87 0.52 23.55
C SER A 99 10.99 -0.60 24.61
N GLU A 100 9.92 -1.41 24.81
CA GLU A 100 9.90 -2.49 25.77
C GLU A 100 10.13 -3.92 25.11
N ASN A 101 10.13 -3.99 23.75
CA ASN A 101 10.35 -5.32 23.04
C ASN A 101 11.52 -5.16 22.16
N LEU A 102 12.70 -5.35 22.74
CA LEU A 102 13.94 -5.17 21.96
C LEU A 102 14.73 -6.49 21.45
N TYR A 103 13.95 -7.57 21.43
CA TYR A 103 14.18 -8.88 20.77
C TYR A 103 15.30 -9.85 21.29
N PHE A 104 15.97 -9.50 22.39
CA PHE A 104 16.95 -10.40 23.05
C PHE A 104 16.45 -10.99 24.37
#